data_9D77
#
_entry.id   9D77
#
_cell.length_a   189.260
_cell.length_b   189.260
_cell.length_c   45.880
_cell.angle_alpha   90.000
_cell.angle_beta   90.000
_cell.angle_gamma   120.000
#
_symmetry.space_group_name_H-M   'P 6'
#
loop_
_entity.id
_entity.type
_entity.pdbx_description
1 polymer Netrin-1
2 branched alpha-D-mannopyranose-(1-3)-[alpha-D-mannopyranose-(1-6)]beta-D-mannopyranose-(1-4)-2-acetamido-2-deoxy-beta-D-glucopyranose-(1-4)-[alpha-L-fucopyranose-(1-6)]2-acetamido-2-deoxy-beta-D-glucopyranose
3 branched alpha-D-mannopyranose-(1-3)-[alpha-D-mannopyranose-(1-6)]beta-D-mannopyranose-(1-4)-2-acetamido-2-deoxy-beta-D-glucopyranose-(1-4)-2-acetamido-2-deoxy-beta-D-glucopyranose
4 non-polymer 2-acetamido-2-deoxy-beta-D-glucopyranose
5 non-polymer 'CALCIUM ION'
6 non-polymer 'CHLORIDE ION'
7 non-polymer (4S)-2-METHYL-2,4-PENTANEDIOL
8 water water
#
_entity_poly.entity_id   1
_entity_poly.type   'polypeptide(L)'
_entity_poly.pdbx_seq_one_letter_code
;APLAGYPGLNMFAVQTAQPDPCYDEHGLPRRCIPDFVNSAFGKEVKVSSTCGKPPSRYCVVTEKGEEQVRSCHLCNASDP
KRAHPPSFLTDLNNPHNLTCWQSDSYVQYPHNVTLTLSLGKKFEVTYVSLQFCSPRPESMAIYKSMDYGKTWVPFQFYST
QCRKMYNKPSRAAITKQNEQEAICTDSHTDVRPLSGGLIAFSTLDGRPTAHDFDNSPVLQDWVTATDIKVTFSRLHTFGD
ENEDDSELARDSYFYAVSDLQVGGRCKCNGHASRCVRDRDDNLVCDCKHNTAGPECDRCKPFHYDRPWQRATAREANECV
ACNCNLHARRCRFNMELYKLSGRKSGGVCLNCRHNTAGRHCHYCKEGFYRDLSKPISHRKACKECDCHPVGAAGQTCNQT
TGQCPCKDGVTGITCNRCAKGYQQSRSPIAPCIKIPAGSLVPR
;
_entity_poly.pdbx_strand_id   A
#
loop_
_chem_comp.id
_chem_comp.type
_chem_comp.name
_chem_comp.formula
BMA D-saccharide, beta linking beta-D-mannopyranose 'C6 H12 O6'
CA non-polymer 'CALCIUM ION' 'Ca 2'
CL non-polymer 'CHLORIDE ION' 'Cl -1'
FUC L-saccharide, alpha linking alpha-L-fucopyranose 'C6 H12 O5'
MAN D-saccharide, alpha linking alpha-D-mannopyranose 'C6 H12 O6'
MPD non-polymer (4S)-2-METHYL-2,4-PENTANEDIOL 'C6 H14 O2'
NAG D-saccharide, beta linking 2-acetamido-2-deoxy-beta-D-glucopyranose 'C8 H15 N O6'
#
# COMPACT_ATOMS: atom_id res chain seq x y z
N THR A 16 -9.22 6.74 -22.33
CA THR A 16 -9.42 5.35 -21.85
C THR A 16 -9.82 4.45 -23.04
N ALA A 17 -8.92 4.32 -24.03
CA ALA A 17 -9.20 3.62 -25.29
C ALA A 17 -9.11 2.10 -25.13
N GLN A 18 -8.71 1.64 -23.93
CA GLN A 18 -8.83 0.23 -23.54
C GLN A 18 -9.65 0.19 -22.25
N PRO A 19 -9.26 -0.47 -21.12
CA PRO A 19 -10.16 -0.63 -19.98
C PRO A 19 -10.23 0.52 -18.97
N ASP A 20 -9.37 1.55 -19.13
CA ASP A 20 -8.88 2.42 -18.07
C ASP A 20 -10.00 3.04 -17.21
N PRO A 21 -10.33 2.47 -16.01
CA PRO A 21 -11.33 3.06 -15.12
C PRO A 21 -10.84 4.27 -14.30
N CYS A 22 -9.55 4.59 -14.43
CA CYS A 22 -8.87 5.56 -13.60
C CYS A 22 -9.06 6.97 -14.14
N TYR A 23 -9.38 7.06 -15.43
CA TYR A 23 -9.61 8.33 -16.08
C TYR A 23 -10.99 8.31 -16.73
N ASP A 24 -11.75 9.41 -16.57
CA ASP A 24 -13.15 9.46 -16.98
C ASP A 24 -13.22 9.93 -18.44
N GLU A 25 -14.45 10.13 -18.95
CA GLU A 25 -14.66 10.40 -20.36
C GLU A 25 -14.36 11.88 -20.72
N HIS A 26 -14.09 12.75 -19.73
CA HIS A 26 -13.47 14.04 -19.99
C HIS A 26 -12.02 13.85 -20.47
N GLY A 27 -11.37 12.80 -19.95
CA GLY A 27 -9.93 12.61 -20.04
C GLY A 27 -9.27 12.67 -18.66
N LEU A 28 -9.96 13.32 -17.72
CA LEU A 28 -9.38 13.74 -16.46
C LEU A 28 -9.54 12.62 -15.43
N PRO A 29 -8.72 12.58 -14.34
CA PRO A 29 -8.67 11.43 -13.44
C PRO A 29 -9.77 11.36 -12.38
N ARG A 30 -10.19 10.12 -12.04
CA ARG A 30 -11.06 9.83 -10.91
C ARG A 30 -10.36 8.75 -10.08
N ARG A 31 -11.13 7.90 -9.36
CA ARG A 31 -10.57 6.86 -8.52
C ARG A 31 -10.88 5.48 -9.10
N CYS A 32 -9.89 4.57 -8.98
CA CYS A 32 -9.96 3.22 -9.54
C CYS A 32 -9.17 2.23 -8.68
N ILE A 33 -9.66 0.97 -8.67
CA ILE A 33 -9.18 -0.10 -7.81
C ILE A 33 -8.76 -1.29 -8.68
N PRO A 34 -7.68 -2.05 -8.32
CA PRO A 34 -7.43 -3.35 -8.94
C PRO A 34 -8.49 -4.40 -8.63
N ASP A 35 -8.55 -5.44 -9.49
CA ASP A 35 -9.61 -6.45 -9.39
C ASP A 35 -9.40 -7.31 -8.14
N PHE A 36 -10.53 -7.78 -7.59
CA PHE A 36 -10.57 -8.59 -6.39
C PHE A 36 -10.24 -10.04 -6.75
N VAL A 37 -9.37 -10.67 -5.94
CA VAL A 37 -8.72 -11.93 -6.28
C VAL A 37 -8.73 -12.89 -5.08
N ASN A 38 -8.57 -14.18 -5.38
CA ASN A 38 -7.94 -15.14 -4.47
C ASN A 38 -6.43 -14.98 -4.56
N SER A 39 -5.84 -14.32 -3.54
CA SER A 39 -4.41 -14.06 -3.50
C SER A 39 -3.60 -15.28 -3.04
N ALA A 40 -4.29 -16.41 -2.78
CA ALA A 40 -3.66 -17.63 -2.29
C ALA A 40 -3.31 -18.58 -3.44
N PHE A 41 -4.16 -18.67 -4.47
CA PHE A 41 -4.03 -19.69 -5.50
C PHE A 41 -2.67 -19.63 -6.18
N GLY A 42 -2.01 -20.79 -6.28
CA GLY A 42 -0.75 -20.92 -6.99
C GLY A 42 0.46 -20.54 -6.13
N LYS A 43 0.19 -20.00 -4.92
CA LYS A 43 1.19 -19.37 -4.07
C LYS A 43 1.46 -20.29 -2.87
N GLU A 44 2.75 -20.52 -2.59
CA GLU A 44 3.17 -21.67 -1.80
C GLU A 44 3.13 -21.29 -0.32
N VAL A 45 2.59 -22.21 0.49
CA VAL A 45 2.30 -21.96 1.89
C VAL A 45 3.34 -22.65 2.77
N LYS A 46 3.85 -21.94 3.78
CA LYS A 46 4.85 -22.47 4.71
C LYS A 46 4.15 -23.05 5.94
N VAL A 47 4.59 -24.25 6.39
CA VAL A 47 3.92 -25.06 7.42
C VAL A 47 4.90 -25.59 8.49
N SER A 48 4.36 -25.92 9.68
CA SER A 48 5.13 -26.42 10.81
C SER A 48 5.06 -27.92 10.93
N SER A 49 4.12 -28.56 10.25
CA SER A 49 3.87 -29.97 10.49
C SER A 49 3.13 -30.57 9.30
N THR A 50 3.86 -31.28 8.42
CA THR A 50 3.29 -32.16 7.41
C THR A 50 3.61 -33.59 7.84
N CYS A 51 2.64 -34.52 7.80
CA CYS A 51 3.01 -35.94 7.90
C CYS A 51 3.54 -36.38 6.53
N GLY A 52 4.57 -37.25 6.55
CA GLY A 52 5.29 -37.59 5.32
C GLY A 52 6.45 -38.55 5.60
N LYS A 53 7.68 -38.05 5.90
CA LYS A 53 8.69 -38.59 6.78
C LYS A 53 8.52 -38.25 8.28
N PRO A 54 8.39 -39.26 9.17
CA PRO A 54 8.16 -40.64 8.75
C PRO A 54 6.75 -40.85 8.23
N PRO A 55 6.49 -41.89 7.40
CA PRO A 55 5.14 -42.34 7.14
C PRO A 55 4.39 -42.67 8.43
N SER A 56 3.16 -42.19 8.50
CA SER A 56 2.49 -42.01 9.76
C SER A 56 1.11 -42.65 9.71
N ARG A 57 0.64 -43.13 10.87
CA ARG A 57 -0.72 -43.61 11.04
C ARG A 57 -1.68 -42.43 11.02
N TYR A 58 -2.85 -42.61 10.40
CA TYR A 58 -3.97 -41.70 10.65
C TYR A 58 -5.25 -42.47 10.40
N CYS A 59 -6.29 -42.12 11.15
CA CYS A 59 -7.56 -42.81 11.04
C CYS A 59 -8.66 -41.78 10.80
N VAL A 60 -9.71 -42.22 10.08
CA VAL A 60 -10.92 -41.44 9.86
C VAL A 60 -12.09 -42.21 10.49
N VAL A 61 -12.89 -41.52 11.32
CA VAL A 61 -14.12 -42.08 11.86
C VAL A 61 -15.30 -41.56 11.02
N THR A 62 -15.91 -42.42 10.19
CA THR A 62 -16.83 -42.03 9.11
C THR A 62 -18.23 -42.65 9.29
N GLU A 63 -19.28 -41.80 9.27
CA GLU A 63 -20.66 -42.18 9.53
C GLU A 63 -21.53 -42.16 8.26
N LYS A 64 -21.16 -43.01 7.29
CA LYS A 64 -22.08 -43.40 6.21
C LYS A 64 -23.07 -44.43 6.77
N GLY A 65 -24.30 -44.41 6.25
CA GLY A 65 -25.40 -45.10 6.90
C GLY A 65 -25.69 -44.44 8.24
N GLU A 66 -25.51 -45.19 9.34
CA GLU A 66 -25.44 -44.61 10.66
C GLU A 66 -24.24 -45.14 11.43
N GLU A 67 -23.35 -45.89 10.74
CA GLU A 67 -22.31 -46.70 11.37
C GLU A 67 -21.03 -45.89 11.56
N GLN A 68 -20.56 -45.79 12.81
CA GLN A 68 -19.46 -44.91 13.20
C GLN A 68 -18.10 -45.64 13.07
N VAL A 69 -17.65 -45.82 11.82
CA VAL A 69 -16.60 -46.78 11.45
C VAL A 69 -15.23 -46.13 11.39
N ARG A 70 -14.21 -46.81 11.95
CA ARG A 70 -12.83 -46.34 11.97
C ARG A 70 -11.99 -46.93 10.84
N SER A 71 -11.47 -46.08 9.94
CA SER A 71 -10.63 -46.50 8.81
C SER A 71 -9.25 -45.83 8.86
N CYS A 72 -8.19 -46.63 9.02
CA CYS A 72 -6.85 -46.12 9.25
C CYS A 72 -5.96 -46.27 8.03
N HIS A 73 -5.13 -45.26 7.77
CA HIS A 73 -4.38 -45.16 6.54
C HIS A 73 -2.97 -44.60 6.78
N LEU A 74 -2.23 -44.48 5.66
CA LEU A 74 -0.79 -44.45 5.56
C LEU A 74 -0.33 -43.13 4.93
N CYS A 75 0.40 -42.29 5.69
CA CYS A 75 0.61 -40.88 5.32
C CYS A 75 2.04 -40.64 4.81
N ASN A 76 2.24 -40.83 3.51
CA ASN A 76 3.57 -41.06 2.97
C ASN A 76 3.86 -40.00 1.90
N ALA A 77 4.78 -39.07 2.21
CA ALA A 77 5.04 -37.93 1.35
C ALA A 77 5.95 -38.32 0.17
N SER A 78 6.48 -39.55 0.21
CA SER A 78 7.32 -40.08 -0.85
C SER A 78 6.45 -40.64 -1.97
N ASP A 79 5.20 -40.99 -1.65
CA ASP A 79 4.24 -41.56 -2.58
C ASP A 79 3.20 -40.51 -2.92
N PRO A 80 3.20 -39.91 -4.15
CA PRO A 80 2.19 -38.93 -4.52
C PRO A 80 0.73 -39.42 -4.53
N LYS A 81 0.49 -40.69 -4.20
CA LYS A 81 -0.86 -41.22 -4.02
C LYS A 81 -1.29 -41.13 -2.56
N ARG A 82 -0.31 -41.09 -1.65
CA ARG A 82 -0.58 -41.05 -0.22
C ARG A 82 0.02 -39.80 0.42
N ALA A 83 0.41 -38.83 -0.40
CA ALA A 83 1.10 -37.63 0.07
C ALA A 83 0.12 -36.48 0.28
N HIS A 84 0.37 -35.67 1.33
CA HIS A 84 -0.48 -34.54 1.68
C HIS A 84 0.38 -33.29 1.88
N PRO A 85 1.12 -32.84 0.83
CA PRO A 85 1.97 -31.67 0.93
C PRO A 85 1.19 -30.36 0.97
N PRO A 86 1.85 -29.25 1.39
CA PRO A 86 1.22 -27.92 1.43
C PRO A 86 0.80 -27.36 0.07
N SER A 87 1.26 -28.02 -1.00
CA SER A 87 0.81 -27.76 -2.36
C SER A 87 -0.71 -27.78 -2.45
N PHE A 88 -1.36 -28.62 -1.61
CA PHE A 88 -2.78 -28.87 -1.72
C PHE A 88 -3.61 -27.81 -1.02
N LEU A 89 -2.93 -26.78 -0.50
CA LEU A 89 -3.63 -25.65 0.10
C LEU A 89 -3.99 -24.60 -0.96
N THR A 90 -3.28 -24.62 -2.11
CA THR A 90 -3.45 -23.59 -3.14
C THR A 90 -3.37 -24.19 -4.54
N ASP A 91 -3.95 -25.40 -4.70
CA ASP A 91 -4.08 -26.10 -5.97
C ASP A 91 -5.47 -25.81 -6.54
N LEU A 92 -5.97 -26.66 -7.46
CA LEU A 92 -7.30 -26.48 -8.04
C LEU A 92 -8.38 -27.05 -7.11
N ASN A 93 -9.33 -26.19 -6.67
CA ASN A 93 -10.42 -26.57 -5.78
C ASN A 93 -11.53 -27.27 -6.60
N ASN A 94 -12.06 -28.36 -6.04
CA ASN A 94 -13.04 -29.23 -6.70
C ASN A 94 -13.66 -30.11 -5.62
N PRO A 95 -14.72 -29.69 -4.88
CA PRO A 95 -15.19 -30.40 -3.69
C PRO A 95 -15.78 -31.81 -3.83
N HIS A 96 -15.89 -32.38 -5.05
CA HIS A 96 -16.18 -33.81 -5.22
C HIS A 96 -14.86 -34.58 -5.09
N ASN A 97 -13.74 -33.90 -5.40
CA ASN A 97 -12.41 -34.47 -5.42
C ASN A 97 -11.48 -33.61 -4.56
N LEU A 98 -11.58 -33.75 -3.23
CA LEU A 98 -10.90 -32.91 -2.26
C LEU A 98 -9.41 -33.27 -2.19
N THR A 99 -8.53 -32.32 -2.56
CA THR A 99 -7.10 -32.45 -2.34
C THR A 99 -6.73 -31.75 -1.03
N CYS A 100 -5.97 -32.42 -0.16
CA CYS A 100 -5.86 -32.03 1.25
C CYS A 100 -4.42 -32.13 1.75
N TRP A 101 -3.88 -31.00 2.21
CA TRP A 101 -2.72 -31.01 3.09
C TRP A 101 -3.10 -31.58 4.47
N GLN A 102 -2.17 -32.28 5.12
CA GLN A 102 -2.37 -32.91 6.42
C GLN A 102 -1.14 -32.82 7.35
N SER A 103 -1.39 -32.64 8.66
CA SER A 103 -0.33 -32.53 9.65
C SER A 103 -0.03 -33.87 10.31
N ASP A 104 0.98 -33.86 11.20
CA ASP A 104 1.22 -34.96 12.12
C ASP A 104 0.11 -35.00 13.16
N SER A 105 -0.08 -36.18 13.78
CA SER A 105 -1.13 -36.40 14.75
C SER A 105 -0.70 -35.92 16.14
N TYR A 106 -1.68 -35.48 16.93
CA TYR A 106 -1.57 -35.11 18.32
C TYR A 106 -0.35 -34.22 18.61
N VAL A 107 -0.07 -33.31 17.69
CA VAL A 107 0.62 -32.09 18.07
C VAL A 107 -0.41 -31.19 18.76
N GLN A 108 -0.21 -30.95 20.07
CA GLN A 108 -1.28 -30.60 20.99
C GLN A 108 -0.85 -29.49 21.92
N TYR A 109 -1.80 -28.82 22.61
CA TYR A 109 -1.41 -27.79 23.54
C TYR A 109 -0.46 -28.36 24.59
N PRO A 110 0.73 -27.76 24.81
CA PRO A 110 1.07 -26.42 24.31
C PRO A 110 1.41 -26.28 22.83
N HIS A 111 1.67 -27.39 22.12
CA HIS A 111 2.32 -27.32 20.80
C HIS A 111 1.32 -26.96 19.71
N ASN A 112 1.68 -25.88 19.00
CA ASN A 112 0.89 -25.33 17.93
C ASN A 112 1.52 -25.67 16.59
N VAL A 113 0.65 -26.10 15.66
CA VAL A 113 0.98 -26.03 14.25
C VAL A 113 0.63 -24.64 13.79
N THR A 114 1.53 -24.05 13.02
CA THR A 114 1.29 -22.78 12.37
C THR A 114 1.41 -22.99 10.86
N LEU A 115 0.66 -22.18 10.10
CA LEU A 115 0.87 -22.02 8.67
C LEU A 115 1.10 -20.54 8.42
N THR A 116 1.94 -20.19 7.45
CA THR A 116 2.02 -18.79 6.99
C THR A 116 1.93 -18.76 5.47
N LEU A 117 1.24 -17.70 4.96
CA LEU A 117 1.27 -17.30 3.56
C LEU A 117 1.74 -15.85 3.46
N SER A 118 2.86 -15.66 2.76
CA SER A 118 3.36 -14.36 2.39
C SER A 118 2.82 -13.99 1.01
N LEU A 119 2.23 -12.81 0.92
CA LEU A 119 1.72 -12.31 -0.34
C LEU A 119 2.84 -11.62 -1.11
N GLY A 120 3.71 -10.92 -0.38
CA GLY A 120 4.79 -10.15 -0.97
C GLY A 120 4.28 -8.84 -1.58
N LYS A 121 3.28 -8.25 -0.90
CA LYS A 121 2.61 -7.05 -1.37
C LYS A 121 1.49 -6.75 -0.38
N LYS A 122 1.30 -5.47 -0.04
CA LYS A 122 0.25 -5.11 0.90
C LYS A 122 -1.10 -5.35 0.22
N PHE A 123 -1.93 -6.16 0.86
CA PHE A 123 -3.27 -6.44 0.40
C PHE A 123 -4.25 -6.02 1.49
N GLU A 124 -5.37 -5.46 1.04
CA GLU A 124 -6.51 -5.24 1.90
C GLU A 124 -7.28 -6.55 1.94
N VAL A 125 -7.32 -7.15 3.12
CA VAL A 125 -7.93 -8.46 3.24
C VAL A 125 -9.43 -8.30 3.46
N THR A 126 -10.22 -9.04 2.67
CA THR A 126 -11.65 -9.15 2.89
C THR A 126 -11.92 -10.32 3.86
N TYR A 127 -11.44 -11.50 3.47
CA TYR A 127 -11.64 -12.69 4.27
C TYR A 127 -10.52 -13.69 4.03
N VAL A 128 -10.42 -14.63 4.97
CA VAL A 128 -9.64 -15.82 4.78
C VAL A 128 -10.51 -17.01 5.15
N SER A 129 -10.61 -17.96 4.22
CA SER A 129 -11.38 -19.17 4.43
C SER A 129 -10.46 -20.40 4.33
N LEU A 130 -10.66 -21.29 5.31
CA LEU A 130 -9.97 -22.56 5.43
C LEU A 130 -11.03 -23.64 5.42
N GLN A 131 -11.03 -24.49 4.39
CA GLN A 131 -11.97 -25.60 4.38
C GLN A 131 -11.24 -26.86 4.81
N PHE A 132 -11.71 -27.47 5.92
CA PHE A 132 -11.07 -28.59 6.56
C PHE A 132 -11.65 -29.92 6.07
N CYS A 133 -10.80 -30.93 5.96
CA CYS A 133 -11.23 -32.30 5.72
C CYS A 133 -11.00 -33.08 7.02
N SER A 134 -10.89 -32.29 8.10
CA SER A 134 -10.67 -32.76 9.44
C SER A 134 -11.62 -31.97 10.32
N PRO A 135 -11.72 -32.26 11.63
CA PRO A 135 -12.46 -31.37 12.53
C PRO A 135 -11.81 -30.00 12.57
N ARG A 136 -12.62 -28.99 12.90
CA ARG A 136 -12.10 -27.66 13.13
C ARG A 136 -11.36 -27.66 14.45
N PRO A 137 -10.31 -26.83 14.60
CA PRO A 137 -9.61 -26.71 15.86
C PRO A 137 -10.49 -26.27 17.02
N GLU A 138 -10.26 -26.85 18.19
CA GLU A 138 -10.85 -26.37 19.44
C GLU A 138 -10.47 -24.92 19.70
N SER A 139 -9.19 -24.61 19.48
CA SER A 139 -8.65 -23.29 19.72
C SER A 139 -7.64 -22.96 18.63
N MET A 140 -7.85 -21.81 17.98
CA MET A 140 -6.86 -21.33 17.04
C MET A 140 -6.86 -19.82 17.05
N ALA A 141 -5.99 -19.25 16.21
CA ALA A 141 -5.87 -17.81 16.04
C ALA A 141 -5.30 -17.49 14.65
N ILE A 142 -5.66 -16.30 14.17
CA ILE A 142 -5.15 -15.76 12.92
C ILE A 142 -4.32 -14.54 13.25
N TYR A 143 -3.26 -14.35 12.47
CA TYR A 143 -2.34 -13.23 12.64
C TYR A 143 -2.06 -12.63 11.27
N LYS A 144 -1.62 -11.38 11.29
CA LYS A 144 -1.25 -10.70 10.06
C LYS A 144 0.10 -10.04 10.24
N SER A 145 0.73 -9.71 9.12
CA SER A 145 1.90 -8.86 9.15
C SER A 145 1.68 -7.62 8.29
N MET A 146 1.90 -6.44 8.92
CA MET A 146 1.83 -5.14 8.28
C MET A 146 3.09 -4.87 7.47
N ASP A 147 4.23 -5.19 8.13
CA ASP A 147 5.53 -5.24 7.50
C ASP A 147 5.72 -6.66 6.99
N TYR A 148 6.77 -6.90 6.21
CA TYR A 148 6.79 -8.10 5.41
C TYR A 148 7.30 -9.25 6.28
N GLY A 149 6.67 -9.43 7.44
CA GLY A 149 6.92 -10.59 8.27
C GLY A 149 7.76 -10.27 9.50
N LYS A 150 7.87 -8.99 9.89
CA LYS A 150 8.73 -8.60 10.99
C LYS A 150 7.97 -8.61 12.31
N THR A 151 7.09 -7.62 12.51
CA THR A 151 6.15 -7.69 13.61
C THR A 151 4.95 -8.50 13.12
N TRP A 152 4.27 -9.15 14.07
CA TRP A 152 3.05 -9.85 13.75
C TRP A 152 1.93 -9.41 14.68
N VAL A 153 0.75 -9.23 14.10
CA VAL A 153 -0.34 -8.55 14.77
C VAL A 153 -1.53 -9.49 14.87
N PRO A 154 -2.17 -9.56 16.05
CA PRO A 154 -3.34 -10.40 16.22
C PRO A 154 -4.56 -9.87 15.45
N PHE A 155 -5.47 -10.79 15.13
CA PHE A 155 -6.48 -10.53 14.12
C PHE A 155 -7.82 -11.12 14.55
N GLN A 156 -7.84 -12.43 14.85
CA GLN A 156 -9.02 -13.10 15.43
C GLN A 156 -8.63 -14.39 16.16
N PHE A 157 -9.36 -14.68 17.26
CA PHE A 157 -9.14 -15.81 18.16
C PHE A 157 -10.41 -16.63 18.26
N TYR A 158 -10.25 -17.96 18.36
CA TYR A 158 -11.35 -18.89 18.26
C TYR A 158 -11.27 -19.96 19.35
N SER A 159 -11.11 -19.55 20.62
CA SER A 159 -10.94 -20.47 21.72
C SER A 159 -12.28 -20.81 22.40
N THR A 160 -12.35 -22.03 22.95
CA THR A 160 -13.42 -22.42 23.85
C THR A 160 -13.24 -21.72 25.20
N GLN A 161 -12.00 -21.61 25.69
CA GLN A 161 -11.76 -20.93 26.95
C GLN A 161 -10.81 -19.75 26.78
N CYS A 162 -11.40 -18.63 26.39
CA CYS A 162 -10.66 -17.45 25.99
C CYS A 162 -9.78 -16.92 27.12
N ARG A 163 -10.32 -16.91 28.36
N ARG A 163 -10.31 -16.91 28.35
CA ARG A 163 -9.65 -16.31 29.50
CA ARG A 163 -9.64 -16.28 29.49
C ARG A 163 -8.38 -17.08 29.82
C ARG A 163 -8.38 -17.07 29.84
N LYS A 164 -8.47 -18.40 29.70
CA LYS A 164 -7.37 -19.27 30.07
C LYS A 164 -6.32 -19.28 28.94
N MET A 165 -6.78 -19.45 27.69
CA MET A 165 -5.91 -19.75 26.57
C MET A 165 -5.16 -18.52 26.08
N TYR A 166 -5.88 -17.42 25.80
CA TYR A 166 -5.31 -16.27 25.12
C TYR A 166 -5.39 -15.02 26.01
N ASN A 167 -5.85 -15.20 27.26
CA ASN A 167 -6.00 -14.11 28.22
C ASN A 167 -6.97 -13.07 27.66
N LYS A 168 -8.10 -13.57 27.13
CA LYS A 168 -9.05 -12.81 26.33
C LYS A 168 -10.43 -12.81 27.02
N PRO A 169 -11.21 -11.71 26.99
CA PRO A 169 -12.65 -11.81 27.25
C PRO A 169 -13.37 -12.58 26.14
N SER A 170 -14.41 -13.33 26.49
CA SER A 170 -15.18 -14.08 25.52
C SER A 170 -16.29 -13.21 24.93
N ARG A 171 -16.14 -12.87 23.63
CA ARG A 171 -17.13 -12.15 22.81
C ARG A 171 -17.55 -10.82 23.48
N ALA A 172 -16.58 -9.91 23.68
CA ALA A 172 -16.81 -8.63 24.34
C ALA A 172 -17.08 -7.52 23.32
N ALA A 173 -16.91 -6.25 23.74
CA ALA A 173 -17.30 -5.10 22.93
C ALA A 173 -16.14 -4.64 22.05
N ILE A 174 -16.46 -4.15 20.85
CA ILE A 174 -15.57 -3.31 20.06
C ILE A 174 -16.03 -1.86 20.15
N THR A 175 -15.14 -1.00 20.67
CA THR A 175 -15.44 0.41 20.87
C THR A 175 -14.78 1.21 19.75
N LYS A 176 -15.10 2.52 19.67
CA LYS A 176 -14.48 3.42 18.71
C LYS A 176 -13.00 3.65 19.04
N GLN A 177 -12.59 3.34 20.29
CA GLN A 177 -11.23 3.60 20.76
C GLN A 177 -10.31 2.47 20.34
N ASN A 178 -10.89 1.27 20.20
CA ASN A 178 -10.12 0.08 19.92
C ASN A 178 -10.93 -0.80 18.96
N GLU A 179 -11.16 -0.24 17.77
CA GLU A 179 -11.79 -0.92 16.65
C GLU A 179 -10.81 -1.96 16.10
N GLN A 180 -9.49 -1.69 16.20
CA GLN A 180 -8.44 -2.62 15.81
C GLN A 180 -8.24 -3.60 16.98
N GLU A 181 -9.23 -4.49 17.17
CA GLU A 181 -9.26 -5.39 18.30
C GLU A 181 -9.76 -6.74 17.80
N ALA A 182 -8.95 -7.77 18.02
CA ALA A 182 -9.36 -9.15 17.89
C ALA A 182 -10.32 -9.52 19.01
N ILE A 183 -11.51 -10.03 18.64
CA ILE A 183 -12.37 -10.68 19.61
C ILE A 183 -11.92 -12.13 19.74
N CYS A 184 -12.20 -12.73 20.91
CA CYS A 184 -12.10 -14.18 21.07
C CYS A 184 -13.51 -14.74 21.18
N THR A 185 -13.82 -15.73 20.33
CA THR A 185 -15.20 -16.16 20.10
C THR A 185 -15.26 -17.67 20.01
N ASP A 186 -15.90 -18.30 20.99
CA ASP A 186 -16.32 -19.69 20.84
C ASP A 186 -17.41 -19.71 19.77
N SER A 187 -16.97 -19.68 18.52
CA SER A 187 -17.81 -19.91 17.35
C SER A 187 -16.93 -20.42 16.23
N HIS A 188 -17.51 -21.20 15.31
CA HIS A 188 -16.83 -22.02 14.30
C HIS A 188 -15.81 -22.93 14.98
N THR A 189 -16.09 -23.31 16.24
CA THR A 189 -15.20 -24.13 17.05
C THR A 189 -15.94 -25.40 17.51
N ASP A 190 -17.03 -25.74 16.79
CA ASP A 190 -17.77 -26.97 17.05
C ASP A 190 -16.99 -28.12 16.44
N VAL A 191 -17.05 -29.25 17.16
N VAL A 191 -17.01 -29.27 17.12
CA VAL A 191 -16.50 -30.53 16.74
CA VAL A 191 -16.43 -30.50 16.62
C VAL A 191 -17.11 -30.99 15.41
C VAL A 191 -17.10 -30.91 15.32
N ARG A 192 -18.38 -31.45 15.30
N ARG A 192 -18.45 -31.01 15.34
CA ARG A 192 -19.14 -31.67 14.08
CA ARG A 192 -19.18 -31.59 14.23
C ARG A 192 -19.44 -30.34 13.40
C ARG A 192 -19.53 -30.35 13.38
N PRO A 193 -19.06 -30.14 12.12
CA PRO A 193 -18.70 -31.20 11.18
C PRO A 193 -17.29 -31.75 11.27
N LEU A 194 -17.26 -33.08 11.27
CA LEU A 194 -16.04 -33.86 11.31
C LEU A 194 -15.30 -33.75 9.98
N SER A 195 -16.06 -33.45 8.90
CA SER A 195 -15.44 -33.15 7.62
C SER A 195 -16.16 -31.99 6.95
N GLY A 196 -15.37 -31.15 6.28
CA GLY A 196 -15.89 -30.12 5.38
C GLY A 196 -16.19 -28.81 6.11
N GLY A 197 -15.72 -28.70 7.36
CA GLY A 197 -15.94 -27.52 8.17
C GLY A 197 -15.19 -26.30 7.62
N LEU A 198 -15.79 -25.12 7.80
CA LEU A 198 -15.25 -23.85 7.33
C LEU A 198 -14.79 -23.04 8.54
N ILE A 199 -13.53 -22.58 8.50
CA ILE A 199 -13.17 -21.33 9.15
C ILE A 199 -13.21 -20.26 8.07
N ALA A 200 -13.80 -19.13 8.45
CA ALA A 200 -13.82 -17.91 7.67
C ALA A 200 -13.78 -16.72 8.63
N PHE A 201 -12.75 -15.88 8.49
CA PHE A 201 -12.71 -14.64 9.24
C PHE A 201 -12.88 -13.49 8.25
N SER A 202 -13.86 -12.60 8.55
CA SER A 202 -14.04 -11.33 7.88
C SER A 202 -13.63 -10.17 8.79
N THR A 203 -12.83 -9.31 8.19
CA THR A 203 -12.04 -8.31 8.90
C THR A 203 -12.95 -7.27 9.51
N LEU A 204 -14.01 -6.92 8.75
CA LEU A 204 -14.68 -5.63 8.84
C LEU A 204 -15.99 -5.75 9.60
N ASP A 205 -16.38 -6.99 9.88
CA ASP A 205 -17.47 -7.25 10.81
C ASP A 205 -17.17 -6.55 12.13
N GLY A 206 -18.21 -5.92 12.72
CA GLY A 206 -18.22 -5.59 14.14
C GLY A 206 -17.50 -4.29 14.47
N ARG A 207 -17.21 -3.49 13.43
CA ARG A 207 -16.50 -2.25 13.59
C ARG A 207 -17.52 -1.10 13.69
N PRO A 208 -17.41 -0.21 14.72
CA PRO A 208 -18.13 1.06 14.73
C PRO A 208 -17.87 2.06 13.60
N THR A 209 -17.15 1.72 12.52
CA THR A 209 -17.34 2.41 11.24
C THR A 209 -17.29 1.38 10.11
N ALA A 210 -18.10 0.33 10.27
CA ALA A 210 -18.18 -0.81 9.36
C ALA A 210 -18.64 -0.34 7.99
N HIS A 211 -19.58 0.61 8.03
CA HIS A 211 -20.12 1.20 6.82
C HIS A 211 -19.08 2.03 6.08
N ASP A 212 -18.14 2.64 6.82
CA ASP A 212 -17.50 3.88 6.39
C ASP A 212 -16.02 3.64 6.09
N PHE A 213 -15.78 2.69 5.19
CA PHE A 213 -14.45 2.13 4.96
C PHE A 213 -13.63 3.06 4.07
N ASP A 214 -14.22 3.62 3.02
CA ASP A 214 -13.53 4.58 2.19
C ASP A 214 -13.01 5.75 3.02
N ASN A 215 -13.72 6.03 4.13
CA ASN A 215 -13.48 7.24 4.88
C ASN A 215 -12.89 6.92 6.25
N SER A 216 -12.63 5.63 6.54
CA SER A 216 -12.07 5.22 7.82
C SER A 216 -10.62 4.72 7.67
N PRO A 217 -9.62 5.54 8.04
CA PRO A 217 -8.21 5.15 7.89
C PRO A 217 -7.75 4.04 8.83
N VAL A 218 -8.35 3.98 10.02
CA VAL A 218 -7.96 3.00 11.02
C VAL A 218 -8.37 1.62 10.52
N LEU A 219 -9.46 1.55 9.76
CA LEU A 219 -9.93 0.29 9.19
C LEU A 219 -9.13 -0.08 7.94
N GLN A 220 -8.72 0.93 7.19
CA GLN A 220 -7.87 0.70 6.03
C GLN A 220 -6.57 0.02 6.48
N ASP A 221 -6.04 0.41 7.66
CA ASP A 221 -4.82 -0.17 8.24
C ASP A 221 -5.09 -1.56 8.79
N TRP A 222 -6.27 -1.74 9.40
CA TRP A 222 -6.64 -3.02 9.96
C TRP A 222 -6.54 -4.12 8.93
N VAL A 223 -7.17 -3.91 7.77
CA VAL A 223 -7.28 -4.95 6.78
C VAL A 223 -6.00 -5.08 5.96
N THR A 224 -5.08 -4.13 6.10
CA THR A 224 -3.84 -4.16 5.33
C THR A 224 -2.89 -5.19 5.94
N ALA A 225 -2.27 -6.01 5.07
CA ALA A 225 -1.36 -7.07 5.49
C ALA A 225 -0.51 -7.54 4.32
N THR A 226 0.71 -7.99 4.62
CA THR A 226 1.65 -8.48 3.63
C THR A 226 1.78 -10.00 3.71
N ASP A 227 1.73 -10.51 4.94
CA ASP A 227 1.79 -11.93 5.18
C ASP A 227 0.79 -12.27 6.28
N ILE A 228 0.27 -13.50 6.21
CA ILE A 228 -0.85 -13.92 7.03
C ILE A 228 -0.58 -15.31 7.57
N LYS A 229 -0.89 -15.49 8.85
CA LYS A 229 -0.41 -16.62 9.61
C LYS A 229 -1.54 -17.19 10.45
N VAL A 230 -1.76 -18.50 10.28
CA VAL A 230 -2.77 -19.26 11.01
C VAL A 230 -2.09 -20.17 12.02
N THR A 231 -2.61 -20.19 13.25
CA THR A 231 -1.97 -20.89 14.34
C THR A 231 -3.00 -21.80 15.04
N PHE A 232 -2.89 -23.11 14.89
CA PHE A 232 -3.78 -24.05 15.57
C PHE A 232 -3.11 -24.52 16.85
N SER A 233 -3.77 -24.27 17.97
CA SER A 233 -3.08 -24.22 19.26
C SER A 233 -3.46 -25.38 20.15
N ARG A 234 -4.62 -25.97 19.88
CA ARG A 234 -5.11 -27.11 20.61
C ARG A 234 -5.89 -27.96 19.60
N LEU A 235 -6.24 -29.19 20.00
CA LEU A 235 -7.17 -30.08 19.30
C LEU A 235 -8.34 -30.43 20.23
N HIS A 236 -9.35 -31.14 19.69
CA HIS A 236 -10.40 -31.77 20.49
C HIS A 236 -10.12 -33.27 20.61
N THR A 237 -10.22 -33.82 21.83
CA THR A 237 -10.19 -35.26 22.07
C THR A 237 -11.58 -35.73 22.53
N PHE A 238 -12.04 -36.89 22.02
CA PHE A 238 -13.46 -37.23 22.07
C PHE A 238 -13.83 -37.75 23.47
N GLY A 239 -12.85 -38.33 24.20
CA GLY A 239 -12.90 -38.40 25.66
C GLY A 239 -13.47 -39.69 26.25
N ASP A 240 -13.80 -40.68 25.40
CA ASP A 240 -14.30 -41.96 25.87
C ASP A 240 -13.16 -43.00 25.87
N GLU A 241 -13.45 -44.16 26.48
CA GLU A 241 -12.59 -45.34 26.39
C GLU A 241 -12.84 -46.02 25.03
N ASN A 242 -11.86 -45.86 24.11
CA ASN A 242 -11.77 -46.61 22.86
C ASN A 242 -10.87 -47.82 23.14
N GLU A 243 -9.67 -47.84 22.53
CA GLU A 243 -8.53 -48.55 23.11
C GLU A 243 -7.22 -47.85 22.69
N ASP A 244 -7.22 -46.51 22.90
CA ASP A 244 -6.06 -45.63 22.98
C ASP A 244 -5.61 -45.20 21.56
N ASP A 245 -5.83 -46.11 20.61
CA ASP A 245 -5.23 -46.13 19.29
C ASP A 245 -3.94 -45.28 19.21
N SER A 246 -2.89 -45.76 19.90
CA SER A 246 -1.48 -45.35 19.83
C SER A 246 -1.05 -44.70 21.16
N ARG A 250 -3.13 -41.40 19.82
CA ARG A 250 -2.84 -40.58 18.60
C ARG A 250 -3.79 -41.03 17.50
N ASP A 251 -5.07 -40.85 17.80
CA ASP A 251 -6.09 -41.73 17.28
C ASP A 251 -6.43 -41.22 15.89
N SER A 252 -6.78 -39.95 15.86
CA SER A 252 -7.28 -39.30 14.66
C SER A 252 -7.24 -37.79 14.82
N TYR A 253 -6.25 -37.31 15.59
CA TYR A 253 -6.27 -35.95 16.06
C TYR A 253 -5.25 -35.15 15.27
N PHE A 254 -5.65 -34.63 14.11
CA PHE A 254 -4.74 -33.90 13.27
C PHE A 254 -5.45 -32.79 12.50
N TYR A 255 -4.66 -31.86 11.96
CA TYR A 255 -5.17 -30.79 11.14
C TYR A 255 -5.04 -31.17 9.66
N ALA A 256 -6.05 -30.79 8.86
CA ALA A 256 -6.03 -31.02 7.42
C ALA A 256 -7.04 -30.14 6.71
N VAL A 257 -6.60 -29.52 5.60
CA VAL A 257 -7.42 -28.54 4.91
C VAL A 257 -7.33 -28.71 3.37
N SER A 258 -8.51 -28.57 2.75
CA SER A 258 -8.78 -28.97 1.39
C SER A 258 -8.85 -27.73 0.52
N ASP A 259 -7.70 -27.05 0.39
CA ASP A 259 -7.60 -25.77 -0.29
C ASP A 259 -8.09 -24.64 0.61
N LEU A 260 -7.41 -23.50 0.43
CA LEU A 260 -7.61 -22.28 1.17
C LEU A 260 -7.90 -21.18 0.17
N GLN A 261 -8.51 -20.08 0.67
CA GLN A 261 -8.63 -18.84 -0.07
C GLN A 261 -8.32 -17.67 0.86
N VAL A 262 -7.62 -16.66 0.32
CA VAL A 262 -7.60 -15.34 0.91
C VAL A 262 -8.13 -14.38 -0.14
N GLY A 263 -9.41 -14.03 0.02
CA GLY A 263 -10.05 -12.98 -0.76
C GLY A 263 -9.54 -11.61 -0.32
N GLY A 264 -9.02 -10.85 -1.27
CA GLY A 264 -8.51 -9.51 -1.00
C GLY A 264 -8.34 -8.70 -2.27
N ARG A 265 -8.07 -7.39 -2.09
CA ARG A 265 -7.73 -6.47 -3.16
C ARG A 265 -6.30 -5.97 -2.95
N CYS A 266 -5.62 -5.73 -4.07
CA CYS A 266 -4.24 -5.26 -4.10
C CYS A 266 -4.22 -3.80 -3.66
N LYS A 267 -3.61 -3.51 -2.50
CA LYS A 267 -3.69 -2.17 -1.92
C LYS A 267 -2.90 -1.20 -2.79
N CYS A 268 -3.63 -0.33 -3.50
CA CYS A 268 -3.02 0.75 -4.25
C CYS A 268 -3.64 2.09 -3.86
N ASN A 269 -4.37 2.10 -2.73
CA ASN A 269 -4.95 3.31 -2.18
C ASN A 269 -5.85 4.03 -3.19
N GLY A 270 -6.42 3.27 -4.14
CA GLY A 270 -7.40 3.80 -5.08
C GLY A 270 -6.76 4.61 -6.21
N HIS A 271 -5.46 4.43 -6.44
CA HIS A 271 -4.75 5.24 -7.41
C HIS A 271 -4.30 4.41 -8.62
N ALA A 272 -4.58 3.08 -8.64
CA ALA A 272 -3.94 2.18 -9.60
C ALA A 272 -4.92 1.20 -10.24
N SER A 273 -4.56 0.74 -11.44
CA SER A 273 -5.45 0.07 -12.38
C SER A 273 -5.42 -1.44 -12.17
N ARG A 274 -4.21 -2.00 -12.16
N ARG A 274 -4.22 -2.00 -12.13
CA ARG A 274 -3.99 -3.41 -11.84
CA ARG A 274 -4.03 -3.39 -11.76
C ARG A 274 -2.60 -3.53 -11.21
C ARG A 274 -2.61 -3.54 -11.21
N CYS A 275 -2.34 -4.68 -10.56
CA CYS A 275 -1.04 -4.99 -9.99
C CYS A 275 -0.27 -5.94 -10.90
N VAL A 276 1.01 -5.61 -11.10
CA VAL A 276 1.86 -6.16 -12.16
C VAL A 276 3.24 -6.52 -11.61
N ARG A 277 3.93 -7.39 -12.37
CA ARG A 277 5.26 -7.85 -12.03
C ARG A 277 6.31 -6.83 -12.46
N ASP A 278 7.36 -6.74 -11.64
CA ASP A 278 8.31 -5.65 -11.64
C ASP A 278 9.50 -6.03 -12.54
N ARG A 279 10.49 -5.13 -12.62
CA ARG A 279 11.82 -5.43 -13.14
C ARG A 279 12.50 -6.47 -12.26
N ASP A 280 12.15 -6.47 -10.96
CA ASP A 280 12.78 -7.30 -9.94
C ASP A 280 11.91 -8.54 -9.66
N ASP A 281 10.86 -8.72 -10.47
CA ASP A 281 9.93 -9.85 -10.43
C ASP A 281 9.14 -9.84 -9.11
N ASN A 282 8.92 -8.64 -8.60
CA ASN A 282 8.07 -8.40 -7.44
C ASN A 282 6.73 -7.85 -7.93
N LEU A 283 5.66 -8.04 -7.15
CA LEU A 283 4.36 -7.46 -7.46
C LEU A 283 4.33 -6.02 -6.95
N VAL A 284 3.88 -5.11 -7.84
CA VAL A 284 3.68 -3.73 -7.47
C VAL A 284 2.41 -3.20 -8.15
N CYS A 285 1.90 -2.09 -7.60
CA CYS A 285 0.79 -1.35 -8.19
C CYS A 285 1.28 -0.60 -9.42
N ASP A 286 0.48 -0.66 -10.48
CA ASP A 286 0.70 0.19 -11.65
C ASP A 286 0.08 1.54 -11.35
N CYS A 287 0.79 2.37 -10.54
CA CYS A 287 0.25 3.59 -9.95
C CYS A 287 0.02 4.67 -11.03
N LYS A 288 -1.18 5.25 -11.06
CA LYS A 288 -1.61 6.06 -12.19
C LYS A 288 -1.52 7.56 -11.86
N HIS A 289 -2.03 7.98 -10.68
CA HIS A 289 -2.44 9.37 -10.46
C HIS A 289 -1.31 10.28 -9.94
N ASN A 290 -0.15 10.20 -10.61
CA ASN A 290 1.06 10.90 -10.21
C ASN A 290 1.54 10.38 -8.86
N THR A 291 1.14 9.16 -8.51
CA THR A 291 1.46 8.55 -7.22
C THR A 291 2.58 7.54 -7.42
N ALA A 292 3.17 7.10 -6.30
CA ALA A 292 4.47 6.43 -6.34
C ALA A 292 4.69 5.55 -5.13
N GLY A 293 5.63 4.63 -5.28
CA GLY A 293 5.88 3.60 -4.30
C GLY A 293 5.17 2.31 -4.68
N PRO A 294 5.18 1.31 -3.79
CA PRO A 294 4.50 0.05 -4.07
C PRO A 294 2.98 0.15 -3.97
N GLU A 295 2.52 0.88 -2.95
CA GLU A 295 1.09 0.99 -2.67
C GLU A 295 0.56 2.32 -3.19
N CYS A 296 1.41 3.07 -3.92
CA CYS A 296 1.07 4.42 -4.35
C CYS A 296 0.92 5.32 -3.12
N ASP A 297 1.74 5.10 -2.10
CA ASP A 297 1.47 5.59 -0.74
C ASP A 297 2.36 6.78 -0.39
N ARG A 298 3.32 7.09 -1.27
CA ARG A 298 3.82 8.45 -1.43
C ARG A 298 3.34 8.88 -2.81
N CYS A 299 3.93 9.94 -3.37
CA CYS A 299 3.62 10.28 -4.75
C CYS A 299 4.83 10.91 -5.42
N LYS A 300 4.73 11.05 -6.74
CA LYS A 300 5.87 11.04 -7.63
C LYS A 300 6.76 12.27 -7.41
N PRO A 301 8.05 12.17 -7.79
CA PRO A 301 8.93 13.33 -7.74
C PRO A 301 8.41 14.46 -8.60
N PHE A 302 8.46 15.68 -8.03
CA PHE A 302 7.96 16.87 -8.70
C PHE A 302 6.45 16.77 -8.79
N HIS A 303 5.84 16.25 -7.71
CA HIS A 303 4.41 16.38 -7.51
C HIS A 303 4.17 16.71 -6.03
N TYR A 304 4.99 17.60 -5.47
CA TYR A 304 4.97 17.84 -4.03
C TYR A 304 4.23 19.13 -3.67
N ASP A 305 3.64 19.77 -4.68
CA ASP A 305 2.54 20.68 -4.46
C ASP A 305 1.37 19.83 -3.99
N ARG A 306 0.90 20.04 -2.75
CA ARG A 306 -0.29 19.39 -2.20
C ARG A 306 0.00 17.94 -1.82
N PRO A 307 -0.15 17.55 -0.53
CA PRO A 307 0.46 16.33 0.01
C PRO A 307 -0.31 15.06 -0.32
N TRP A 308 0.26 13.92 0.11
CA TRP A 308 -0.29 12.64 -0.28
C TRP A 308 -1.58 12.40 0.50
N GLN A 309 -2.56 11.81 -0.20
CA GLN A 309 -3.79 11.34 0.40
C GLN A 309 -4.35 10.17 -0.41
N ARG A 310 -5.03 9.27 0.31
CA ARG A 310 -5.71 8.15 -0.31
C ARG A 310 -6.83 8.65 -1.20
N ALA A 311 -7.17 7.88 -2.24
CA ALA A 311 -8.29 8.20 -3.10
C ALA A 311 -9.62 7.75 -2.50
N THR A 312 -10.68 8.50 -2.87
CA THR A 312 -12.07 8.09 -2.77
C THR A 312 -12.79 8.62 -4.02
N ALA A 313 -14.09 8.37 -4.14
CA ALA A 313 -14.87 8.88 -5.27
C ALA A 313 -15.10 10.39 -5.13
N ARG A 314 -15.03 10.87 -3.87
CA ARG A 314 -15.36 12.23 -3.46
C ARG A 314 -14.37 13.24 -4.03
N GLU A 315 -13.11 13.06 -3.63
CA GLU A 315 -11.98 13.73 -4.25
C GLU A 315 -10.94 12.64 -4.50
N ALA A 316 -10.42 12.60 -5.73
CA ALA A 316 -9.40 11.61 -6.07
C ALA A 316 -8.08 11.98 -5.38
N ASN A 317 -7.95 13.26 -4.98
CA ASN A 317 -7.07 13.71 -3.91
C ASN A 317 -5.60 13.62 -4.31
N GLU A 318 -5.34 13.55 -5.63
CA GLU A 318 -4.07 13.03 -6.10
C GLU A 318 -3.01 14.14 -6.18
N CYS A 319 -1.76 13.71 -6.36
CA CYS A 319 -0.63 14.61 -6.30
C CYS A 319 -0.50 15.33 -7.63
N VAL A 320 -0.04 16.57 -7.54
CA VAL A 320 -0.06 17.55 -8.60
C VAL A 320 1.30 18.23 -8.65
N ALA A 321 1.73 18.62 -9.85
CA ALA A 321 3.09 19.07 -10.08
C ALA A 321 3.36 20.44 -9.46
N CYS A 322 4.58 20.62 -8.90
CA CYS A 322 5.11 21.92 -8.57
C CYS A 322 5.27 22.71 -9.87
N ASN A 323 4.73 23.92 -9.95
CA ASN A 323 4.95 24.73 -11.16
C ASN A 323 6.20 25.59 -10.98
N CYS A 324 7.28 25.14 -11.63
CA CYS A 324 8.56 25.82 -11.55
C CYS A 324 8.92 26.37 -12.92
N ASN A 325 8.02 26.16 -13.88
CA ASN A 325 8.02 26.94 -15.09
C ASN A 325 9.12 26.46 -16.05
N LEU A 326 9.37 25.14 -16.05
CA LEU A 326 10.39 24.56 -16.93
C LEU A 326 11.79 25.03 -16.53
N HIS A 327 11.93 25.58 -15.30
CA HIS A 327 13.19 26.13 -14.79
C HIS A 327 13.69 25.37 -13.56
N ALA A 328 13.07 24.23 -13.25
CA ALA A 328 13.52 23.37 -12.16
C ALA A 328 12.89 21.97 -12.25
N ARG A 329 13.54 21.01 -11.57
CA ARG A 329 13.21 19.59 -11.59
C ARG A 329 13.03 19.04 -10.17
N ARG A 330 13.78 19.62 -9.21
N ARG A 330 13.75 19.63 -9.21
CA ARG A 330 13.63 19.29 -7.80
CA ARG A 330 13.60 19.21 -7.82
C ARG A 330 12.61 20.23 -7.20
C ARG A 330 12.64 20.21 -7.17
N CYS A 331 11.76 19.73 -6.30
CA CYS A 331 10.83 20.56 -5.55
C CYS A 331 10.38 19.81 -4.29
N ARG A 332 9.87 20.55 -3.30
CA ARG A 332 9.51 19.97 -2.02
C ARG A 332 8.19 20.58 -1.56
N PHE A 333 7.53 19.95 -0.58
CA PHE A 333 6.29 20.43 -0.01
C PHE A 333 6.59 21.29 1.21
N ASN A 334 5.65 22.20 1.54
CA ASN A 334 5.64 22.89 2.81
C ASN A 334 4.21 22.85 3.34
N MET A 335 4.01 22.14 4.47
CA MET A 335 2.72 22.03 5.11
C MET A 335 2.22 23.41 5.54
N GLU A 336 3.15 24.28 5.95
CA GLU A 336 2.79 25.61 6.41
C GLU A 336 2.18 26.41 5.26
N LEU A 337 2.87 26.39 4.11
CA LEU A 337 2.43 27.09 2.92
C LEU A 337 1.17 26.43 2.36
N TYR A 338 1.02 25.13 2.55
CA TYR A 338 -0.19 24.49 2.08
C TYR A 338 -1.39 25.02 2.82
N LYS A 339 -1.29 25.13 4.16
CA LYS A 339 -2.44 25.60 4.95
C LYS A 339 -2.68 27.08 4.69
N LEU A 340 -1.62 27.88 4.53
CA LEU A 340 -1.83 29.31 4.32
C LEU A 340 -2.12 29.61 2.85
N SER A 341 -2.06 28.60 1.98
CA SER A 341 -2.57 28.75 0.63
C SER A 341 -4.03 28.37 0.60
N GLY A 342 -4.55 27.93 1.74
CA GLY A 342 -5.91 27.42 1.84
C GLY A 342 -6.03 26.02 1.28
N ARG A 343 -5.05 25.16 1.54
CA ARG A 343 -5.06 23.78 1.08
C ARG A 343 -4.98 23.69 -0.46
N LYS A 344 -4.31 24.64 -1.11
CA LYS A 344 -4.23 24.63 -2.57
C LYS A 344 -2.86 24.16 -3.02
N SER A 345 -1.81 24.73 -2.42
CA SER A 345 -0.45 24.61 -2.91
C SER A 345 0.54 24.77 -1.76
N GLY A 346 1.47 23.83 -1.63
CA GLY A 346 2.58 23.96 -0.69
C GLY A 346 3.93 23.67 -1.34
N GLY A 347 3.97 23.61 -2.68
CA GLY A 347 5.08 23.01 -3.43
C GLY A 347 6.03 24.03 -4.04
N VAL A 348 7.29 24.03 -3.57
CA VAL A 348 8.27 25.08 -3.82
C VAL A 348 9.51 24.47 -4.47
N CYS A 349 10.13 25.27 -5.33
CA CYS A 349 11.08 24.80 -6.32
C CYS A 349 12.52 25.05 -5.84
N LEU A 350 13.45 24.12 -6.16
CA LEU A 350 14.88 24.22 -5.88
C LEU A 350 15.70 23.94 -7.13
N ASN A 351 16.94 24.45 -7.18
CA ASN A 351 17.78 24.39 -8.36
C ASN A 351 17.13 25.22 -9.46
N CYS A 352 16.97 26.53 -9.24
CA CYS A 352 16.29 27.36 -10.24
C CYS A 352 17.27 27.71 -11.36
N ARG A 353 16.99 27.17 -12.57
CA ARG A 353 17.83 27.36 -13.74
C ARG A 353 17.34 28.54 -14.57
N HIS A 354 18.13 28.90 -15.59
CA HIS A 354 17.81 29.89 -16.60
C HIS A 354 17.65 31.28 -15.97
N ASN A 355 18.43 31.56 -14.91
CA ASN A 355 18.49 32.85 -14.24
C ASN A 355 17.24 33.19 -13.42
N THR A 356 16.44 32.19 -13.05
CA THR A 356 15.18 32.45 -12.36
C THR A 356 15.41 32.35 -10.85
N ALA A 357 14.38 32.71 -10.07
CA ALA A 357 14.49 32.79 -8.62
C ALA A 357 13.11 32.82 -7.95
N GLY A 358 13.05 32.38 -6.69
CA GLY A 358 11.87 32.53 -5.85
C GLY A 358 10.85 31.41 -6.06
N ARG A 359 10.31 30.92 -4.94
CA ARG A 359 9.32 29.84 -4.82
C ARG A 359 9.08 29.01 -6.09
N HIS A 360 8.64 29.63 -7.19
CA HIS A 360 8.21 28.87 -8.36
C HIS A 360 9.18 29.09 -9.51
N CYS A 361 10.42 29.48 -9.15
CA CYS A 361 11.38 29.99 -10.12
C CYS A 361 10.69 31.00 -11.02
N HIS A 362 10.13 32.04 -10.41
CA HIS A 362 9.14 32.83 -11.10
C HIS A 362 9.64 34.23 -11.43
N TYR A 363 10.69 34.76 -10.78
CA TYR A 363 11.20 36.07 -11.19
C TYR A 363 12.70 36.01 -11.47
N CYS A 364 13.24 37.01 -12.20
CA CYS A 364 14.64 36.97 -12.65
C CYS A 364 15.55 37.40 -11.52
N LYS A 365 16.64 36.63 -11.34
CA LYS A 365 17.60 36.85 -10.27
C LYS A 365 18.44 38.07 -10.62
N GLU A 366 19.07 38.64 -9.60
CA GLU A 366 19.59 39.99 -9.65
C GLU A 366 20.58 40.13 -10.80
N GLY A 367 20.54 41.24 -11.52
CA GLY A 367 21.37 41.40 -12.70
C GLY A 367 20.77 40.71 -13.92
N PHE A 368 19.50 40.31 -13.81
CA PHE A 368 18.64 40.03 -14.94
C PHE A 368 17.28 40.65 -14.68
N TYR A 369 16.57 41.00 -15.77
CA TYR A 369 15.22 41.51 -15.70
C TYR A 369 14.31 40.67 -16.58
N ARG A 370 13.01 40.75 -16.29
CA ARG A 370 12.03 39.89 -16.91
C ARG A 370 11.76 40.35 -18.33
N ASP A 371 11.96 39.46 -19.31
CA ASP A 371 11.70 39.76 -20.71
C ASP A 371 10.27 39.35 -21.07
N LEU A 372 9.36 40.32 -21.00
CA LEU A 372 7.91 40.08 -21.09
C LEU A 372 7.51 39.73 -22.51
N SER A 373 8.39 39.99 -23.46
CA SER A 373 8.13 39.65 -24.85
C SER A 373 8.07 38.14 -25.00
N LYS A 374 8.57 37.44 -23.98
CA LYS A 374 8.66 35.99 -24.02
C LYS A 374 7.97 35.40 -22.78
N PRO A 375 7.15 34.34 -22.93
CA PRO A 375 6.43 33.74 -21.80
C PRO A 375 7.41 33.15 -20.81
N ILE A 376 6.94 32.79 -19.62
CA ILE A 376 7.86 32.37 -18.57
C ILE A 376 8.48 31.00 -18.86
N SER A 377 7.73 30.12 -19.57
CA SER A 377 8.14 28.76 -19.89
C SER A 377 9.19 28.71 -21.00
N HIS A 378 9.42 29.85 -21.65
CA HIS A 378 10.51 30.03 -22.62
C HIS A 378 11.83 30.15 -21.87
N ARG A 379 12.89 29.57 -22.45
N ARG A 379 12.88 29.57 -22.46
CA ARG A 379 14.13 29.37 -21.73
CA ARG A 379 14.15 29.37 -21.77
C ARG A 379 14.83 30.71 -21.47
C ARG A 379 14.81 30.71 -21.46
N LYS A 380 14.65 31.69 -22.37
CA LYS A 380 15.31 32.99 -22.27
C LYS A 380 14.29 33.98 -21.73
N ALA A 381 13.44 33.46 -20.83
CA ALA A 381 12.53 34.26 -20.05
C ALA A 381 13.32 35.01 -18.98
N CYS A 382 13.98 36.07 -19.40
CA CYS A 382 14.97 36.76 -18.60
C CYS A 382 16.12 37.03 -19.54
N LYS A 383 16.27 38.32 -19.89
CA LYS A 383 17.46 38.82 -20.54
C LYS A 383 18.37 39.36 -19.43
N GLU A 384 19.67 39.35 -19.75
CA GLU A 384 20.66 40.04 -18.95
C GLU A 384 20.40 41.54 -19.10
N CYS A 385 20.67 42.25 -18.00
CA CYS A 385 20.57 43.70 -17.92
C CYS A 385 21.39 44.34 -19.04
N ASP A 386 22.56 43.77 -19.35
CA ASP A 386 23.25 44.00 -20.61
C ASP A 386 23.66 45.47 -20.67
N CYS A 387 24.04 46.02 -19.52
CA CYS A 387 24.20 47.45 -19.39
C CYS A 387 25.40 47.91 -20.18
N HIS A 388 25.33 49.14 -20.67
CA HIS A 388 26.51 49.81 -21.15
C HIS A 388 27.34 50.17 -19.93
N PRO A 389 28.56 49.65 -19.80
CA PRO A 389 29.28 49.77 -18.55
C PRO A 389 29.77 51.18 -18.23
N VAL A 390 29.92 51.98 -19.28
CA VAL A 390 30.36 53.36 -19.13
C VAL A 390 29.14 54.19 -18.80
N GLY A 391 28.06 53.94 -19.56
CA GLY A 391 26.88 54.77 -19.51
C GLY A 391 26.00 54.48 -18.28
N ALA A 392 26.13 53.24 -17.76
CA ALA A 392 25.41 52.84 -16.56
C ALA A 392 26.20 53.27 -15.35
N ALA A 393 25.50 53.76 -14.33
CA ALA A 393 26.07 53.92 -13.00
C ALA A 393 25.89 52.63 -12.19
N GLY A 394 25.44 51.54 -12.85
CA GLY A 394 25.24 50.26 -12.18
C GLY A 394 24.97 49.14 -13.18
N GLN A 395 25.49 47.95 -12.86
CA GLN A 395 25.41 46.79 -13.73
C GLN A 395 24.07 46.08 -13.53
N THR A 396 23.53 46.15 -12.30
CA THR A 396 22.23 45.57 -12.00
C THR A 396 21.20 46.56 -12.46
N CYS A 397 20.28 46.05 -13.29
CA CYS A 397 19.11 46.81 -13.65
C CYS A 397 18.00 46.45 -12.67
N ASN A 398 17.00 47.33 -12.60
CA ASN A 398 15.71 47.02 -12.01
C ASN A 398 15.18 45.78 -12.73
N GLN A 399 14.85 44.74 -11.96
CA GLN A 399 14.78 43.39 -12.51
C GLN A 399 13.46 43.11 -13.22
N THR A 400 12.55 44.09 -13.32
CA THR A 400 11.41 43.93 -14.19
C THR A 400 11.48 44.97 -15.31
N THR A 401 11.85 46.21 -14.98
CA THR A 401 11.86 47.27 -15.97
C THR A 401 13.07 47.09 -16.88
N GLY A 402 14.16 46.52 -16.36
CA GLY A 402 15.33 46.25 -17.17
C GLY A 402 16.14 47.52 -17.41
N GLN A 403 15.72 48.60 -16.75
CA GLN A 403 16.39 49.88 -16.86
C GLN A 403 17.62 49.84 -15.96
N CYS A 404 18.80 49.89 -16.58
CA CYS A 404 20.02 50.07 -15.82
C CYS A 404 20.07 51.53 -15.42
N PRO A 405 20.58 51.84 -14.22
CA PRO A 405 20.64 53.22 -13.75
C PRO A 405 21.75 53.99 -14.44
N CYS A 406 21.36 54.94 -15.27
CA CYS A 406 22.32 55.63 -16.10
C CYS A 406 22.85 56.83 -15.31
N LYS A 407 23.95 57.39 -15.79
CA LYS A 407 24.55 58.56 -15.14
C LYS A 407 24.02 59.82 -15.84
N ASP A 408 24.57 60.98 -15.43
CA ASP A 408 23.99 62.30 -15.69
C ASP A 408 23.63 62.48 -17.16
N GLY A 409 22.41 62.05 -17.48
CA GLY A 409 21.83 62.35 -18.77
C GLY A 409 22.31 61.33 -19.78
N VAL A 410 22.06 60.08 -19.46
CA VAL A 410 22.44 59.02 -20.35
C VAL A 410 21.22 58.12 -20.48
N THR A 411 20.28 58.53 -21.29
CA THR A 411 19.01 57.83 -21.32
C THR A 411 19.16 56.49 -22.02
N GLY A 412 18.10 55.69 -21.99
CA GLY A 412 18.06 54.42 -22.66
C GLY A 412 18.04 53.30 -21.63
N ILE A 413 17.54 52.14 -22.04
CA ILE A 413 17.28 51.05 -21.12
C ILE A 413 18.62 50.47 -20.67
N THR A 414 19.48 50.29 -21.67
CA THR A 414 20.82 49.81 -21.46
C THR A 414 21.77 50.97 -21.17
N CYS A 415 21.29 52.22 -21.26
CA CYS A 415 22.09 53.39 -20.98
C CYS A 415 23.17 53.58 -22.04
N ASN A 416 22.77 53.45 -23.31
CA ASN A 416 23.72 53.31 -24.41
C ASN A 416 23.78 54.58 -25.26
N ARG A 417 23.41 55.73 -24.68
CA ARG A 417 23.00 56.89 -25.46
C ARG A 417 22.90 58.15 -24.61
N CYS A 418 23.41 59.27 -25.12
CA CYS A 418 23.14 60.57 -24.54
C CYS A 418 21.74 61.05 -24.91
N ALA A 419 21.19 61.90 -24.04
CA ALA A 419 19.92 62.55 -24.27
C ALA A 419 20.12 63.81 -25.09
N LYS A 420 18.99 64.37 -25.56
CA LYS A 420 18.96 65.71 -26.14
C LYS A 420 19.32 66.74 -25.08
N GLY A 421 20.24 67.65 -25.42
CA GLY A 421 20.71 68.68 -24.50
C GLY A 421 21.98 68.24 -23.79
N TYR A 422 22.38 66.99 -24.04
CA TYR A 422 23.57 66.41 -23.46
C TYR A 422 24.48 65.99 -24.60
N GLN A 423 25.69 66.53 -24.57
CA GLN A 423 26.72 66.24 -25.55
C GLN A 423 27.58 65.06 -25.10
N GLN A 424 27.95 64.21 -26.07
CA GLN A 424 28.78 63.05 -25.83
C GLN A 424 30.26 63.46 -25.72
N SER A 425 30.96 62.80 -24.81
CA SER A 425 32.39 62.93 -24.65
C SER A 425 33.03 61.60 -25.01
N ARG A 426 34.35 61.46 -24.86
CA ARG A 426 34.97 60.14 -24.89
C ARG A 426 35.43 59.74 -23.48
N SER A 427 35.46 60.70 -22.54
CA SER A 427 35.88 60.46 -21.15
C SER A 427 34.80 59.65 -20.44
N PRO A 428 35.14 58.51 -19.79
CA PRO A 428 34.14 57.57 -19.31
C PRO A 428 33.52 57.96 -17.96
N ILE A 429 34.15 58.88 -17.22
CA ILE A 429 33.59 59.38 -15.97
C ILE A 429 32.51 60.43 -16.26
N ALA A 430 32.69 61.22 -17.34
CA ALA A 430 31.69 62.20 -17.77
C ALA A 430 31.38 62.03 -19.26
N PRO A 431 30.60 60.99 -19.66
CA PRO A 431 30.35 60.69 -21.06
C PRO A 431 29.28 61.55 -21.74
N CYS A 432 28.32 62.08 -20.96
CA CYS A 432 27.38 63.08 -21.48
C CYS A 432 27.48 64.33 -20.63
N ILE A 433 27.18 65.49 -21.24
CA ILE A 433 27.34 66.78 -20.57
C ILE A 433 26.51 67.85 -21.29
N LYS A 434 26.07 68.84 -20.51
CA LYS A 434 25.03 69.77 -20.90
C LYS A 434 25.62 70.84 -21.81
N ILE A 435 24.86 71.93 -22.04
CA ILE A 435 25.30 73.04 -22.89
C ILE A 435 24.71 74.37 -22.41
C1 NAG B . 3.29 -21.13 18.45
C2 NAG B . 3.58 -20.22 19.64
C3 NAG B . 4.78 -19.40 19.20
C4 NAG B . 5.93 -20.38 18.99
C5 NAG B . 5.58 -21.50 18.02
C6 NAG B . 6.56 -22.68 18.15
C7 NAG B . 2.16 -19.32 21.44
C8 NAG B . 1.20 -18.25 21.83
N2 NAG B . 2.52 -19.35 20.14
O3 NAG B . 5.06 -18.43 20.21
O4 NAG B . 7.05 -19.67 18.42
O5 NAG B . 4.34 -22.09 18.38
O6 NAG B . 6.85 -23.00 19.55
O7 NAG B . 2.57 -20.06 22.31
C1 NAG B . 8.21 -19.55 19.19
C2 NAG B . 9.40 -19.12 18.33
C3 NAG B . 10.59 -18.77 19.22
C4 NAG B . 10.21 -17.81 20.34
C5 NAG B . 9.00 -18.37 21.12
C6 NAG B . 8.52 -17.45 22.26
C7 NAG B . 9.61 -20.25 16.09
C8 NAG B . 10.13 -21.48 15.39
N2 NAG B . 9.84 -20.17 17.41
O3 NAG B . 11.66 -18.18 18.45
O4 NAG B . 11.34 -17.70 21.22
O5 NAG B . 7.93 -18.59 20.21
O6 NAG B . 7.87 -16.27 21.75
O7 NAG B . 9.01 -19.40 15.46
C1 BMA B . 12.22 -16.63 21.21
C2 BMA B . 12.72 -16.47 22.65
C3 BMA B . 13.80 -15.39 22.76
C4 BMA B . 14.89 -15.59 21.71
C5 BMA B . 14.27 -15.76 20.30
C6 BMA B . 15.30 -16.10 19.23
O2 BMA B . 13.20 -17.73 23.13
O3 BMA B . 14.34 -15.36 24.10
O4 BMA B . 15.78 -14.46 21.70
O5 BMA B . 13.31 -16.84 20.32
O6 BMA B . 14.72 -16.74 18.06
C1 MAN B . 13.44 -14.96 25.09
C2 MAN B . 13.85 -13.65 25.79
C3 MAN B . 15.04 -13.86 26.72
C4 MAN B . 14.72 -15.01 27.70
C5 MAN B . 14.35 -16.26 26.92
C6 MAN B . 14.07 -17.43 27.85
O2 MAN B . 12.71 -13.11 26.50
O3 MAN B . 15.35 -12.65 27.42
O4 MAN B . 15.82 -15.28 28.59
O5 MAN B . 13.19 -15.92 26.14
O6 MAN B . 13.65 -18.57 27.10
C1 MAN B . 14.46 -15.88 16.99
C2 MAN B . 13.59 -16.62 15.94
C3 MAN B . 14.38 -17.74 15.26
C4 MAN B . 15.67 -17.15 14.65
C5 MAN B . 16.47 -16.43 15.76
C6 MAN B . 17.78 -15.82 15.27
O2 MAN B . 13.07 -15.70 14.95
O3 MAN B . 13.60 -18.42 14.25
O4 MAN B . 16.44 -18.17 13.99
O5 MAN B . 15.63 -15.40 16.28
O6 MAN B . 18.55 -15.25 16.35
C1 FUC B . 6.31 -24.17 20.14
C2 FUC B . 7.34 -24.84 21.07
C3 FUC B . 7.69 -23.93 22.27
C4 FUC B . 6.44 -23.64 23.09
C5 FUC B . 5.39 -23.07 22.14
C6 FUC B . 4.09 -22.84 22.88
O2 FUC B . 8.50 -25.13 20.27
O3 FUC B . 8.65 -24.51 23.15
O4 FUC B . 5.99 -24.83 23.76
O5 FUC B . 5.19 -24.01 21.05
C1 NAG C . 11.90 49.22 -10.22
C2 NAG C . 10.62 48.58 -9.67
C3 NAG C . 9.50 49.66 -9.77
C4 NAG C . 9.97 50.69 -8.73
C5 NAG C . 11.39 51.19 -9.06
C6 NAG C . 11.97 52.15 -7.97
C7 NAG C . 10.88 46.09 -9.98
C8 NAG C . 10.06 44.85 -10.10
N2 NAG C . 10.22 47.26 -10.22
O3 NAG C . 8.13 49.23 -9.55
O4 NAG C . 9.10 51.83 -8.78
O5 NAG C . 12.34 50.14 -9.23
O6 NAG C . 13.21 51.72 -7.39
O7 NAG C . 12.05 45.97 -9.62
C1 NAG C . 8.54 52.35 -7.61
C2 NAG C . 8.30 53.87 -7.69
C3 NAG C . 7.32 54.22 -6.53
C4 NAG C . 6.02 53.34 -6.56
C5 NAG C . 6.45 51.85 -6.41
C6 NAG C . 5.43 50.71 -6.51
C7 NAG C . 9.70 56.03 -8.10
C8 NAG C . 11.05 56.63 -7.89
N2 NAG C . 9.53 54.73 -7.70
O3 NAG C . 7.02 55.64 -6.49
O4 NAG C . 5.06 53.94 -5.66
O5 NAG C . 7.34 51.58 -7.49
O6 NAG C . 5.55 50.02 -7.77
O7 NAG C . 8.87 56.74 -8.61
C1 BMA C . 4.46 53.46 -4.50
C2 BMA C . 4.06 54.66 -3.64
C3 BMA C . 3.15 54.30 -2.46
C4 BMA C . 2.04 53.32 -2.87
C5 BMA C . 2.61 52.16 -3.69
C6 BMA C . 1.56 51.19 -4.23
O2 BMA C . 3.43 55.65 -4.45
O3 BMA C . 2.60 55.49 -1.89
O4 BMA C . 1.38 52.79 -1.71
O5 BMA C . 3.31 52.68 -4.84
O6 BMA C . 0.70 51.75 -5.24
C1 MAN C . 3.11 55.84 -0.64
C2 MAN C . 2.17 56.73 0.24
C3 MAN C . 2.09 58.15 -0.32
C4 MAN C . 3.51 58.68 -0.53
C5 MAN C . 4.32 57.72 -1.43
C6 MAN C . 5.71 58.26 -1.74
O2 MAN C . 2.61 56.81 1.59
O3 MAN C . 1.37 58.98 0.60
O4 MAN C . 3.50 59.99 -1.09
O5 MAN C . 4.40 56.48 -0.72
O6 MAN C . 6.48 57.29 -2.45
C1 MAN C . 0.98 51.41 -6.57
C2 MAN C . 0.46 52.56 -7.45
C3 MAN C . -1.08 52.62 -7.39
C4 MAN C . -1.67 51.25 -7.74
C5 MAN C . -1.05 50.15 -6.86
C6 MAN C . -1.64 48.80 -7.27
O2 MAN C . 0.92 52.39 -8.80
O3 MAN C . -1.59 53.63 -8.27
O4 MAN C . -3.09 51.28 -7.58
O5 MAN C . 0.37 50.19 -7.06
O6 MAN C . -1.04 47.68 -6.58
C1 NAG D . 6.06 -44.85 0.89
C2 NAG D . 5.73 -46.34 0.74
C3 NAG D . 6.94 -47.03 0.14
C4 NAG D . 7.16 -46.37 -1.22
C5 NAG D . 7.34 -44.86 -1.11
C6 NAG D . 7.31 -44.27 -2.53
C7 NAG D . 5.76 -47.06 3.15
C8 NAG D . 4.99 -47.88 4.14
N2 NAG D . 5.20 -47.01 1.94
O3 NAG D . 6.72 -48.45 0.04
O4 NAG D . 8.35 -46.88 -1.84
O5 NAG D . 6.25 -44.27 -0.39
O6 NAG D . 8.37 -43.37 -2.85
O7 NAG D . 6.81 -46.50 3.44
C1 NAG D . 8.25 -47.98 -2.68
C2 NAG D . 9.24 -47.83 -3.83
C3 NAG D . 9.53 -49.18 -4.48
C4 NAG D . 9.78 -50.28 -3.46
C5 NAG D . 8.62 -50.38 -2.50
C6 NAG D . 8.76 -51.49 -1.45
C7 NAG D . 9.10 -45.67 -5.09
C8 NAG D . 8.30 -44.94 -6.13
N2 NAG D . 8.73 -46.94 -4.87
O3 NAG D . 10.69 -49.07 -5.32
O4 NAG D . 9.91 -51.51 -4.17
O5 NAG D . 8.51 -49.11 -1.85
O6 NAG D . 8.74 -52.82 -2.02
O7 NAG D . 10.02 -45.13 -4.48
C1 BMA D . 11.02 -52.35 -4.08
C2 BMA D . 10.75 -53.36 -5.16
C3 BMA D . 11.80 -54.43 -5.21
C4 BMA D . 13.21 -53.83 -5.23
C5 BMA D . 13.40 -52.61 -4.29
C6 BMA D . 14.62 -51.77 -4.67
O2 BMA D . 10.69 -52.68 -6.41
O3 BMA D . 11.59 -55.23 -6.38
O4 BMA D . 14.14 -54.84 -4.80
O5 BMA D . 12.27 -51.70 -4.33
O6 BMA D . 14.40 -50.95 -5.86
C1 MAN D . 10.43 -56.00 -6.51
C2 MAN D . 10.77 -57.23 -7.38
C3 MAN D . 11.06 -56.78 -8.82
C4 MAN D . 9.90 -55.97 -9.37
C5 MAN D . 9.59 -54.82 -8.43
C6 MAN D . 8.44 -53.97 -8.95
O2 MAN D . 9.70 -58.20 -7.35
O3 MAN D . 11.29 -57.93 -9.66
O4 MAN D . 10.23 -55.44 -10.65
O5 MAN D . 9.28 -55.36 -7.13
O6 MAN D . 8.86 -53.16 -10.05
C1 MAN D . 15.06 -49.70 -5.86
C2 MAN D . 13.99 -48.60 -5.81
C3 MAN D . 13.19 -48.56 -7.12
C4 MAN D . 14.11 -48.39 -8.32
C5 MAN D . 15.16 -49.49 -8.27
C6 MAN D . 16.09 -49.27 -9.45
O2 MAN D . 14.62 -47.34 -5.54
O3 MAN D . 12.26 -47.47 -7.14
O4 MAN D . 13.38 -48.43 -9.56
O5 MAN D . 15.87 -49.40 -7.04
O6 MAN D . 17.27 -50.10 -9.32
C1 NAG E . -10.72 -38.00 -8.08
C2 NAG E . -10.80 -38.96 -6.86
C3 NAG E . -10.25 -40.35 -7.31
C4 NAG E . -10.97 -40.87 -8.56
C5 NAG E . -10.84 -39.85 -9.70
C6 NAG E . -11.52 -40.32 -10.99
C7 NAG E . -10.44 -38.02 -4.51
C8 NAG E . -9.34 -37.71 -3.53
N2 NAG E . -10.01 -38.52 -5.70
O3 NAG E . -10.36 -41.35 -6.28
O4 NAG E . -10.46 -42.17 -8.93
O5 NAG E . -11.38 -38.60 -9.23
O6 NAG E . -11.22 -39.44 -12.08
O7 NAG E . -11.60 -37.83 -4.21
CA CA F . -6.69 -28.71 -2.22
CL CL G . 18.80 24.53 -21.19
C1 MPD H . 6.02 24.82 9.25
C2 MPD H . 4.84 23.93 9.57
O2 MPD H . 4.27 23.52 8.30
CM MPD H . 3.78 24.69 10.34
C3 MPD H . 5.29 22.66 10.32
C4 MPD H . 4.21 21.69 10.80
O4 MPD H . 4.67 20.35 10.61
C5 MPD H . 3.78 21.85 12.23
C1 MPD I . 22.67 61.28 -9.58
C2 MPD I . 22.34 60.48 -10.83
O2 MPD I . 23.44 60.59 -11.74
CM MPD I . 21.13 61.07 -11.55
C3 MPD I . 22.13 58.98 -10.48
C4 MPD I . 21.66 58.08 -11.62
O4 MPD I . 22.61 58.15 -12.67
C5 MPD I . 21.44 56.64 -11.27
#